data_5FM3
#
_entry.id   5FM3
#
_cell.length_a   98.569
_cell.length_b   98.569
_cell.length_c   146.301
_cell.angle_alpha   90.00
_cell.angle_beta   90.00
_cell.angle_gamma   120.00
#
_symmetry.space_group_name_H-M   'P 63 2 2'
#
loop_
_entity.id
_entity.type
_entity.pdbx_description
1 polymer 'PROTO-ONCOGENE TYROSINE-PROTEIN KINASE RECEPTOR RET'
2 non-polymer 1-TER-BUTYL-3-P-TOLYL-1H-PYRAZOLO[3,4-D]PYRIMIDIN-4-YLAMINE
3 water water
#
_entity_poly.entity_id   1
_entity_poly.type   'polypeptide(L)'
_entity_poly.pdbx_seq_one_letter_code
;CYHKFAHKPPISSAEMTFRRPAQAFPVSYSSSGARRPSLDSMENQVSVDAFKILEDPKWEFPRKNLVLGKTLGEGEFGKV
VKATAFHLKGRAGYTTVAVKMLKENASPSELRDLLSEFNVLKQVNHPHVIKLYGACSQDGPLLLIVEYAK(PTR)GSLRG
FLRESRKVGPGYLGSGGSRNSSSLDHPDERALTMGDLISFAWQISQGMQYLAEMKLVHRDLAARNILVAEGRKMKISDFG
LSRDVYEEDS(PTR)VKR(SEP)QGRIPVKWMAIESLFDHI(PTR)TTQSDVWSFGVLLWEIVTLGGNPYPGIPPERLFN
LLKTGHRMERPDNCSEEMYRLMLQCWKQEPDKRPVFADISKDLEKMMVKRR
;
_entity_poly.pdbx_strand_id   A
#
loop_
_chem_comp.id
_chem_comp.type
_chem_comp.name
_chem_comp.formula
PP1 non-polymer 1-TER-BUTYL-3-P-TOLYL-1H-PYRAZOLO[3,4-D]PYRIMIDIN-4-YLAMINE 'C16 H19 N5'
#
# COMPACT_ATOMS: atom_id res chain seq x y z
N ASP A 49 7.89 -5.00 -28.11
CA ASP A 49 6.94 -5.75 -27.28
C ASP A 49 7.47 -5.87 -25.85
N ALA A 50 6.57 -5.62 -24.89
CA ALA A 50 6.84 -5.73 -23.46
C ALA A 50 7.85 -4.70 -22.96
N PHE A 51 8.63 -4.11 -23.86
CA PHE A 51 9.59 -3.07 -23.51
C PHE A 51 9.19 -1.69 -23.97
N LYS A 52 8.38 -1.58 -25.03
CA LYS A 52 7.91 -0.28 -25.49
C LYS A 52 6.73 0.17 -24.64
N ILE A 53 6.83 1.38 -24.10
CA ILE A 53 5.79 1.96 -23.25
C ILE A 53 4.93 2.90 -24.09
N LEU A 54 3.62 2.71 -24.03
CA LEU A 54 2.71 3.61 -24.72
C LEU A 54 2.72 4.98 -24.06
N GLU A 55 2.74 6.03 -24.88
CA GLU A 55 2.80 7.40 -24.39
C GLU A 55 1.37 7.91 -24.20
N ASP A 56 0.96 8.02 -22.94
CA ASP A 56 -0.35 8.58 -22.61
C ASP A 56 -0.20 10.10 -22.52
N PRO A 57 -0.74 10.88 -23.45
CA PRO A 57 -0.53 12.33 -23.40
C PRO A 57 -1.16 12.98 -22.18
N LYS A 58 -2.17 12.35 -21.58
CA LYS A 58 -2.82 12.92 -20.41
C LYS A 58 -1.86 12.98 -19.22
N TRP A 59 -0.91 12.07 -19.16
CA TRP A 59 0.01 11.94 -18.03
C TRP A 59 1.46 12.26 -18.38
N GLU A 60 1.77 12.52 -19.65
CA GLU A 60 3.15 12.74 -20.03
C GLU A 60 3.61 14.13 -19.60
N PHE A 61 4.80 14.19 -19.00
CA PHE A 61 5.36 15.42 -18.47
C PHE A 61 6.77 15.61 -19.01
N PRO A 62 7.12 16.85 -19.39
CA PRO A 62 8.45 17.08 -20.00
C PRO A 62 9.57 16.76 -19.03
N ARG A 63 10.64 16.17 -19.59
CA ARG A 63 11.77 15.76 -18.75
C ARG A 63 12.63 16.95 -18.35
N LYS A 64 12.68 17.99 -19.19
CA LYS A 64 13.43 19.20 -18.86
C LYS A 64 12.81 19.96 -17.70
N ASN A 65 11.51 19.80 -17.45
CA ASN A 65 10.83 20.46 -16.34
C ASN A 65 10.97 19.71 -15.02
N LEU A 66 11.82 18.70 -14.95
CA LEU A 66 11.96 17.86 -13.76
C LEU A 66 13.40 17.92 -13.28
N VAL A 67 13.58 18.28 -12.01
CA VAL A 67 14.91 18.41 -11.39
C VAL A 67 15.02 17.32 -10.35
N LEU A 68 15.76 16.25 -10.67
CA LEU A 68 15.94 15.15 -9.74
C LEU A 68 16.96 15.53 -8.66
N GLY A 69 16.69 15.08 -7.44
CA GLY A 69 17.54 15.43 -6.32
C GLY A 69 18.07 14.23 -5.56
N LYS A 70 18.01 14.29 -4.24
CA LYS A 70 18.58 13.24 -3.39
C LYS A 70 17.69 12.00 -3.40
N THR A 71 18.34 10.85 -3.20
CA THR A 71 17.64 9.58 -3.17
C THR A 71 16.92 9.41 -1.83
N LEU A 72 15.64 9.07 -1.89
CA LEU A 72 14.85 8.83 -0.69
C LEU A 72 14.84 7.37 -0.27
N GLY A 73 15.21 6.45 -1.16
CA GLY A 73 15.22 5.03 -0.84
C GLY A 73 15.40 4.16 -2.07
N GLU A 74 15.86 2.93 -1.87
CA GLU A 74 16.08 2.01 -2.98
C GLU A 74 16.06 0.59 -2.45
N GLY A 75 15.47 -0.32 -3.22
CA GLY A 75 15.39 -1.71 -2.82
C GLY A 75 14.60 -2.57 -3.79
N GLU A 76 13.86 -3.54 -3.26
CA GLU A 76 13.07 -4.45 -4.09
C GLU A 76 11.77 -3.79 -4.54
N PHE A 77 11.75 -2.46 -4.59
CA PHE A 77 10.60 -1.70 -5.08
C PHE A 77 10.95 -0.73 -6.19
N GLY A 78 12.24 -0.49 -6.47
CA GLY A 78 12.66 0.51 -7.42
C GLY A 78 13.58 1.52 -6.80
N LYS A 79 13.70 2.69 -7.42
CA LYS A 79 14.51 3.78 -6.89
C LYS A 79 13.65 5.03 -6.80
N VAL A 80 13.56 5.62 -5.61
CA VAL A 80 12.73 6.78 -5.35
C VAL A 80 13.62 7.93 -4.92
N VAL A 81 13.54 9.04 -5.65
CA VAL A 81 14.33 10.23 -5.35
C VAL A 81 13.40 11.42 -5.21
N LYS A 82 13.83 12.39 -4.39
CA LYS A 82 13.11 13.64 -4.27
C LYS A 82 13.40 14.52 -5.48
N ALA A 83 12.43 15.32 -5.88
CA ALA A 83 12.56 16.10 -7.10
C ALA A 83 11.68 17.34 -7.01
N THR A 84 11.77 18.17 -8.04
CA THR A 84 10.96 19.37 -8.19
C THR A 84 10.45 19.43 -9.63
N ALA A 85 9.17 19.76 -9.77
CA ALA A 85 8.52 19.81 -11.09
C ALA A 85 7.93 21.19 -11.31
N PHE A 86 8.38 21.85 -12.38
CA PHE A 86 7.90 23.19 -12.72
C PHE A 86 6.74 23.09 -13.70
N HIS A 87 5.69 23.87 -13.43
CA HIS A 87 4.49 23.95 -14.29
C HIS A 87 3.85 22.57 -14.45
N LEU A 88 3.48 21.98 -13.32
CA LEU A 88 2.92 20.64 -13.26
C LEU A 88 1.41 20.68 -13.05
N LYS A 89 0.69 19.85 -13.78
CA LYS A 89 -0.77 19.72 -13.67
C LYS A 89 -1.44 21.10 -13.73
N GLY A 90 -1.30 21.72 -14.89
CA GLY A 90 -1.67 23.11 -15.06
C GLY A 90 -0.44 23.97 -15.22
N ARG A 91 -0.13 24.81 -14.22
CA ARG A 91 1.06 25.63 -14.26
C ARG A 91 1.33 26.28 -12.90
N ALA A 92 1.80 27.54 -12.94
CA ALA A 92 2.02 28.36 -11.75
C ALA A 92 3.10 27.79 -10.83
N GLY A 93 4.36 28.00 -11.20
CA GLY A 93 5.47 27.71 -10.31
C GLY A 93 5.94 26.26 -10.35
N TYR A 94 6.59 25.88 -9.26
CA TYR A 94 7.16 24.54 -9.10
C TYR A 94 6.44 23.79 -8.00
N THR A 95 6.64 22.47 -7.98
CA THR A 95 6.00 21.60 -6.99
C THR A 95 7.00 20.57 -6.52
N THR A 96 7.04 20.35 -5.20
CA THR A 96 7.88 19.33 -4.62
C THR A 96 7.23 17.96 -4.80
N VAL A 97 7.91 17.06 -5.51
CA VAL A 97 7.36 15.77 -5.88
C VAL A 97 8.38 14.68 -5.55
N ALA A 98 7.98 13.44 -5.78
CA ALA A 98 8.85 12.28 -5.69
C ALA A 98 8.80 11.52 -7.00
N VAL A 99 9.93 10.95 -7.40
CA VAL A 99 10.07 10.28 -8.70
C VAL A 99 10.53 8.85 -8.46
N LYS A 100 9.78 7.89 -8.99
CA LYS A 100 10.13 6.48 -8.92
C LYS A 100 10.70 6.03 -10.27
N MET A 101 11.75 5.22 -10.21
CA MET A 101 12.43 4.78 -11.42
C MET A 101 13.00 3.38 -11.18
N LEU A 102 13.49 2.77 -12.25
CA LEU A 102 14.11 1.46 -12.15
C LEU A 102 15.55 1.58 -11.67
N LYS A 103 16.01 0.54 -10.99
CA LYS A 103 17.40 0.48 -10.57
C LYS A 103 18.30 0.19 -11.77
N GLU A 104 19.60 0.42 -11.59
CA GLU A 104 20.56 0.14 -12.64
C GLU A 104 20.67 -1.35 -12.96
N ASN A 105 20.22 -2.21 -12.06
CA ASN A 105 20.24 -3.66 -12.26
C ASN A 105 18.82 -4.23 -12.28
N ALA A 106 17.92 -3.52 -12.94
CA ALA A 106 16.50 -3.92 -12.94
C ALA A 106 16.27 -5.11 -13.86
N SER A 107 15.28 -5.92 -13.48
CA SER A 107 14.84 -7.09 -14.23
C SER A 107 13.54 -6.77 -14.96
N PRO A 108 13.18 -7.56 -15.98
CA PRO A 108 11.93 -7.28 -16.71
C PRO A 108 10.69 -7.32 -15.83
N SER A 109 10.69 -8.13 -14.77
CA SER A 109 9.53 -8.18 -13.90
C SER A 109 9.37 -6.88 -13.10
N GLU A 110 10.49 -6.24 -12.75
CA GLU A 110 10.42 -4.95 -12.08
C GLU A 110 9.91 -3.86 -13.00
N LEU A 111 10.08 -4.02 -14.32
CA LEU A 111 9.42 -3.11 -15.26
C LEU A 111 7.94 -3.40 -15.35
N ARG A 112 7.54 -4.68 -15.23
CA ARG A 112 6.12 -5.00 -15.19
C ARG A 112 5.46 -4.39 -13.95
N ASP A 113 6.16 -4.42 -12.81
CA ASP A 113 5.59 -3.86 -11.59
C ASP A 113 5.50 -2.34 -11.67
N LEU A 114 6.48 -1.70 -12.31
CA LEU A 114 6.44 -0.25 -12.44
C LEU A 114 5.34 0.18 -13.40
N LEU A 115 5.12 -0.60 -14.47
CA LEU A 115 4.03 -0.29 -15.39
C LEU A 115 2.67 -0.61 -14.78
N SER A 116 2.59 -1.67 -13.97
CA SER A 116 1.34 -1.96 -13.27
C SER A 116 1.01 -0.87 -12.27
N GLU A 117 2.02 -0.38 -11.55
CA GLU A 117 1.80 0.73 -10.63
C GLU A 117 1.39 1.99 -11.38
N PHE A 118 2.02 2.23 -12.54
CA PHE A 118 1.63 3.36 -13.38
C PHE A 118 0.18 3.23 -13.82
N ASN A 119 -0.24 2.04 -14.24
CA ASN A 119 -1.59 1.86 -14.77
C ASN A 119 -2.64 2.04 -13.70
N VAL A 120 -2.41 1.50 -12.50
CA VAL A 120 -3.42 1.58 -11.45
C VAL A 120 -3.56 3.01 -10.93
N LEU A 121 -2.43 3.72 -10.80
CA LEU A 121 -2.48 5.09 -10.28
C LEU A 121 -3.21 6.05 -11.21
N LYS A 122 -3.33 5.72 -12.49
CA LYS A 122 -4.10 6.56 -13.40
C LYS A 122 -5.57 6.60 -13.03
N GLN A 123 -6.08 5.50 -12.48
CA GLN A 123 -7.52 5.35 -12.25
C GLN A 123 -7.95 5.83 -10.87
N VAL A 124 -7.14 5.59 -9.84
CA VAL A 124 -7.56 5.92 -8.48
C VAL A 124 -7.31 7.40 -8.19
N ASN A 125 -8.11 7.95 -7.28
CA ASN A 125 -7.97 9.33 -6.84
C ASN A 125 -8.69 9.53 -5.51
N HIS A 126 -7.94 9.58 -4.41
CA HIS A 126 -8.54 9.67 -3.09
C HIS A 126 -7.57 10.38 -2.16
N PRO A 127 -8.08 11.17 -1.19
CA PRO A 127 -7.16 11.90 -0.29
C PRO A 127 -6.23 11.01 0.51
N HIS A 128 -6.58 9.74 0.74
CA HIS A 128 -5.73 8.83 1.49
C HIS A 128 -5.06 7.79 0.60
N VAL A 129 -5.03 8.03 -0.70
CA VAL A 129 -4.28 7.23 -1.66
C VAL A 129 -3.25 8.14 -2.32
N ILE A 130 -2.04 7.62 -2.51
CA ILE A 130 -0.98 8.42 -3.12
C ILE A 130 -1.43 8.88 -4.50
N LYS A 131 -1.08 10.12 -4.84
CA LYS A 131 -1.59 10.77 -6.03
C LYS A 131 -0.53 10.81 -7.13
N LEU A 132 -0.92 10.37 -8.33
CA LEU A 132 -0.04 10.41 -9.48
C LEU A 132 -0.18 11.75 -10.18
N TYR A 133 0.96 12.40 -10.44
CA TYR A 133 0.99 13.69 -11.11
C TYR A 133 1.34 13.61 -12.58
N GLY A 134 2.28 12.75 -12.94
CA GLY A 134 2.69 12.63 -14.33
C GLY A 134 3.72 11.54 -14.50
N ALA A 135 4.30 11.49 -15.69
CA ALA A 135 5.31 10.48 -15.99
C ALA A 135 6.15 10.94 -17.17
N CYS A 136 7.35 10.37 -17.26
CA CYS A 136 8.27 10.60 -18.37
C CYS A 136 8.58 9.23 -18.99
N SER A 137 7.87 8.89 -20.06
CA SER A 137 7.96 7.57 -20.66
C SER A 137 8.67 7.55 -22.00
N GLN A 138 9.14 8.69 -22.49
CA GLN A 138 9.77 8.78 -23.79
C GLN A 138 11.12 9.45 -23.69
N ASP A 139 12.01 9.09 -24.62
CA ASP A 139 13.32 9.71 -24.76
C ASP A 139 14.15 9.59 -23.48
N GLY A 140 14.13 8.40 -22.87
CA GLY A 140 14.91 8.15 -21.68
C GLY A 140 14.26 7.18 -20.74
N PRO A 141 14.73 7.15 -19.48
CA PRO A 141 14.17 6.22 -18.49
C PRO A 141 12.71 6.53 -18.18
N LEU A 142 12.04 5.55 -17.59
CA LEU A 142 10.64 5.68 -17.20
C LEU A 142 10.57 6.20 -15.77
N LEU A 143 10.01 7.39 -15.59
CA LEU A 143 9.93 8.06 -14.31
C LEU A 143 8.46 8.27 -13.95
N LEU A 144 8.07 7.85 -12.75
CA LEU A 144 6.73 8.10 -12.25
C LEU A 144 6.77 9.28 -11.29
N ILE A 145 6.03 10.32 -11.60
CA ILE A 145 5.99 11.54 -10.79
C ILE A 145 4.72 11.49 -9.95
N VAL A 146 4.88 11.35 -8.63
CA VAL A 146 3.74 11.24 -7.74
C VAL A 146 3.84 12.28 -6.64
N GLU A 147 3.09 12.08 -5.56
CA GLU A 147 3.11 12.99 -4.42
C GLU A 147 4.46 12.91 -3.72
N TYR A 148 4.55 13.58 -2.57
CA TYR A 148 5.77 13.53 -1.76
C TYR A 148 5.35 13.41 -0.31
N ALA A 149 5.62 12.24 0.28
CA ALA A 149 5.36 11.98 1.69
C ALA A 149 6.66 12.14 2.44
N LYS A 150 6.84 13.28 3.10
CA LYS A 150 8.11 13.62 3.72
C LYS A 150 8.44 12.78 4.95
N PTR A 151 7.42 12.25 5.61
CA PTR A 151 7.68 11.42 6.78
C PTR A 151 7.97 9.98 6.38
O PTR A 151 8.14 9.11 7.25
CB PTR A 151 6.54 11.51 7.80
CG PTR A 151 6.29 12.92 8.29
CD1 PTR A 151 7.16 13.54 9.18
CD2 PTR A 151 5.19 13.64 7.85
CE1 PTR A 151 6.93 14.82 9.63
CE2 PTR A 151 4.95 14.93 8.29
CZ PTR A 151 5.82 15.52 9.19
OH PTR A 151 5.65 16.74 9.64
P PTR A 151 4.32 17.64 9.69
O1P PTR A 151 3.23 17.10 8.85
O2P PTR A 151 3.80 17.77 11.14
O3P PTR A 151 4.70 19.04 9.18
N GLY A 152 8.05 9.72 5.08
CA GLY A 152 8.42 8.42 4.57
C GLY A 152 7.36 7.34 4.76
N SER A 153 7.79 6.09 4.81
CA SER A 153 6.87 4.98 5.00
C SER A 153 6.31 4.98 6.41
N LEU A 154 5.20 4.25 6.59
CA LEU A 154 4.56 4.22 7.90
C LEU A 154 5.40 3.44 8.91
N ARG A 155 5.90 2.26 8.52
CA ARG A 155 6.69 1.46 9.44
C ARG A 155 7.93 2.21 9.91
N GLY A 156 8.57 2.94 9.00
CA GLY A 156 9.68 3.79 9.40
C GLY A 156 9.25 4.95 10.28
N PHE A 157 8.05 5.50 10.03
CA PHE A 157 7.56 6.60 10.84
C PHE A 157 7.20 6.15 12.24
N LEU A 158 6.63 4.94 12.37
CA LEU A 158 6.27 4.44 13.69
C LEU A 158 7.51 4.07 14.49
N ARG A 159 8.52 3.49 13.84
CA ARG A 159 9.75 3.11 14.54
C ARG A 159 10.58 4.32 14.93
N GLU A 160 10.44 5.45 14.23
CA GLU A 160 11.16 6.65 14.63
C GLU A 160 10.69 7.18 15.98
N SER A 161 9.51 6.77 16.43
CA SER A 161 9.00 7.20 17.73
C SER A 161 9.30 6.14 18.78
N ALA A 187 6.55 11.08 19.43
CA ALA A 187 5.52 11.50 20.38
C ALA A 187 4.13 11.27 19.81
N LEU A 188 3.68 10.01 19.85
CA LEU A 188 2.38 9.63 19.31
C LEU A 188 1.53 9.02 20.43
N THR A 189 0.34 9.57 20.61
CA THR A 189 -0.64 8.99 21.52
C THR A 189 -1.46 7.92 20.81
N MET A 190 -2.32 7.25 21.56
CA MET A 190 -3.22 6.27 20.97
C MET A 190 -4.27 6.94 20.09
N GLY A 191 -4.52 8.23 20.28
CA GLY A 191 -5.49 8.93 19.45
C GLY A 191 -5.03 9.05 18.00
N ASP A 192 -3.74 9.27 17.79
CA ASP A 192 -3.22 9.36 16.43
C ASP A 192 -3.20 7.99 15.75
N LEU A 193 -2.94 6.93 16.51
CA LEU A 193 -2.89 5.59 15.91
C LEU A 193 -4.26 5.17 15.39
N ILE A 194 -5.32 5.46 16.15
CA ILE A 194 -6.66 5.17 15.68
C ILE A 194 -6.99 6.03 14.46
N SER A 195 -6.50 7.28 14.44
CA SER A 195 -6.69 8.13 13.28
C SER A 195 -5.96 7.57 12.06
N PHE A 196 -4.73 7.08 12.26
CA PHE A 196 -3.98 6.49 11.15
C PHE A 196 -4.72 5.29 10.58
N ALA A 197 -5.19 4.40 11.45
CA ALA A 197 -5.97 3.26 10.98
C ALA A 197 -7.28 3.70 10.34
N TRP A 198 -7.86 4.81 10.84
CA TRP A 198 -9.10 5.30 10.26
C TRP A 198 -8.89 5.81 8.84
N GLN A 199 -7.80 6.56 8.62
CA GLN A 199 -7.52 7.10 7.29
C GLN A 199 -7.25 5.98 6.28
N ILE A 200 -6.49 4.96 6.70
CA ILE A 200 -6.22 3.83 5.81
C ILE A 200 -7.51 3.07 5.51
N SER A 201 -8.39 2.95 6.51
CA SER A 201 -9.66 2.26 6.30
C SER A 201 -10.55 3.00 5.30
N GLN A 202 -10.45 4.33 5.26
CA GLN A 202 -11.21 5.09 4.28
C GLN A 202 -10.65 4.91 2.88
N GLY A 203 -9.32 4.85 2.76
CA GLY A 203 -8.72 4.60 1.46
C GLY A 203 -9.05 3.22 0.92
N MET A 204 -9.00 2.20 1.79
CA MET A 204 -9.40 0.86 1.37
C MET A 204 -10.89 0.81 1.04
N GLN A 205 -11.70 1.59 1.75
CA GLN A 205 -13.11 1.72 1.40
C GLN A 205 -13.28 2.20 -0.03
N TYR A 206 -12.52 3.23 -0.40
CA TYR A 206 -12.57 3.75 -1.76
C TYR A 206 -12.06 2.71 -2.75
N LEU A 207 -10.94 2.06 -2.44
CA LEU A 207 -10.38 1.07 -3.35
C LEU A 207 -11.31 -0.13 -3.52
N ALA A 208 -12.05 -0.49 -2.47
CA ALA A 208 -13.02 -1.56 -2.60
C ALA A 208 -14.17 -1.16 -3.52
N GLU A 209 -14.64 0.09 -3.41
CA GLU A 209 -15.69 0.57 -4.31
C GLU A 209 -15.19 0.69 -5.75
N MET A 210 -13.88 0.86 -5.94
CA MET A 210 -13.29 0.90 -7.26
C MET A 210 -13.03 -0.49 -7.83
N LYS A 211 -13.49 -1.55 -7.15
CA LYS A 211 -13.28 -2.93 -7.57
C LYS A 211 -11.79 -3.23 -7.76
N LEU A 212 -11.01 -2.96 -6.71
CA LEU A 212 -9.57 -3.16 -6.72
C LEU A 212 -9.14 -3.93 -5.49
N VAL A 213 -8.23 -4.89 -5.69
CA VAL A 213 -7.64 -5.67 -4.61
C VAL A 213 -6.18 -5.26 -4.47
N HIS A 214 -5.80 -4.87 -3.26
CA HIS A 214 -4.45 -4.34 -3.06
C HIS A 214 -3.43 -5.45 -2.85
N ARG A 215 -3.81 -6.50 -2.10
CA ARG A 215 -2.98 -7.67 -1.84
C ARG A 215 -1.79 -7.36 -0.94
N ASP A 216 -0.99 -6.36 -1.29
CA ASP A 216 0.22 -6.02 -0.54
C ASP A 216 -0.03 -4.92 0.48
N LEU A 217 -1.03 -5.10 1.33
CA LEU A 217 -1.40 -4.11 2.33
C LEU A 217 -0.58 -4.33 3.58
N ALA A 218 0.40 -3.47 3.82
CA ALA A 218 1.26 -3.56 5.00
C ALA A 218 1.76 -2.17 5.36
N ALA A 219 2.42 -2.08 6.51
CA ALA A 219 2.86 -0.78 7.02
C ALA A 219 3.97 -0.19 6.15
N ARG A 220 4.89 -1.02 5.67
CA ARG A 220 5.96 -0.53 4.80
C ARG A 220 5.44 -0.09 3.43
N ASN A 221 4.19 -0.37 3.11
CA ASN A 221 3.58 0.05 1.85
C ASN A 221 2.70 1.29 2.02
N ILE A 222 2.57 1.82 3.23
CA ILE A 222 1.81 3.04 3.49
C ILE A 222 2.79 4.18 3.66
N LEU A 223 2.41 5.36 3.17
CA LEU A 223 3.25 6.55 3.23
C LEU A 223 2.61 7.59 4.13
N VAL A 224 3.44 8.20 4.99
CA VAL A 224 3.00 9.27 5.88
C VAL A 224 3.37 10.60 5.22
N ALA A 225 2.37 11.35 4.80
CA ALA A 225 2.58 12.57 4.04
C ALA A 225 2.54 13.79 4.96
N GLU A 226 2.54 14.98 4.35
CA GLU A 226 2.50 16.21 5.11
C GLU A 226 1.20 16.31 5.91
N GLY A 227 1.32 16.78 7.14
CA GLY A 227 0.20 16.75 8.07
C GLY A 227 0.01 15.42 8.76
N ARG A 228 0.95 14.49 8.61
CA ARG A 228 0.86 13.15 9.17
C ARG A 228 -0.43 12.46 8.72
N LYS A 229 -0.64 12.46 7.41
CA LYS A 229 -1.82 11.87 6.79
C LYS A 229 -1.42 10.65 5.98
N MET A 230 -2.24 9.61 6.07
CA MET A 230 -1.89 8.32 5.48
C MET A 230 -2.14 8.30 3.97
N LYS A 231 -1.20 7.71 3.24
CA LYS A 231 -1.29 7.59 1.79
C LYS A 231 -0.98 6.15 1.42
N ILE A 232 -1.98 5.43 0.90
CA ILE A 232 -1.78 4.07 0.45
C ILE A 232 -0.92 4.08 -0.82
N SER A 233 0.06 3.16 -0.88
CA SER A 233 1.01 3.13 -1.97
C SER A 233 1.28 1.68 -2.37
N ASP A 234 2.22 1.52 -3.31
CA ASP A 234 2.67 0.21 -3.80
C ASP A 234 1.49 -0.60 -4.37
N PHE A 235 1.05 -0.16 -5.55
CA PHE A 235 0.00 -0.84 -6.30
C PHE A 235 0.56 -1.77 -7.36
N GLY A 236 1.84 -2.12 -7.28
CA GLY A 236 2.46 -2.97 -8.29
C GLY A 236 1.92 -4.38 -8.33
N LEU A 237 1.30 -4.84 -7.24
CA LEU A 237 0.74 -6.19 -7.18
C LEU A 237 -0.78 -6.18 -7.04
N SER A 238 -1.42 -5.09 -7.43
CA SER A 238 -2.86 -4.99 -7.32
C SER A 238 -3.56 -5.73 -8.45
N ARG A 239 -4.82 -6.10 -8.20
CA ARG A 239 -5.64 -6.79 -9.18
C ARG A 239 -7.08 -6.30 -9.08
N ASP A 240 -7.81 -6.45 -10.18
CA ASP A 240 -9.24 -6.16 -10.17
C ASP A 240 -10.00 -7.28 -9.46
N VAL A 241 -11.19 -6.94 -8.95
CA VAL A 241 -12.04 -7.95 -8.33
C VAL A 241 -12.49 -8.97 -9.36
N TYR A 242 -12.73 -8.53 -10.60
CA TYR A 242 -13.08 -9.41 -11.71
C TYR A 242 -12.06 -9.20 -12.82
N GLU A 243 -11.33 -10.26 -13.16
CA GLU A 243 -10.31 -10.19 -14.20
C GLU A 243 -10.92 -9.84 -15.54
N GLU A 244 -10.57 -8.68 -16.08
CA GLU A 244 -11.14 -8.19 -17.34
C GLU A 244 -10.23 -8.45 -18.53
N ASP A 245 -9.34 -9.43 -18.44
CA ASP A 245 -8.45 -9.78 -19.53
C ASP A 245 -8.61 -11.25 -19.89
N SER A 246 -8.39 -11.56 -21.16
CA SER A 246 -8.56 -12.93 -21.67
C SER A 246 -7.43 -13.86 -21.24
N PTR A 247 -6.21 -13.33 -21.20
CA PTR A 247 -5.08 -14.12 -20.70
C PTR A 247 -4.15 -13.28 -19.83
O PTR A 247 -3.33 -12.51 -20.34
CB PTR A 247 -4.28 -14.80 -21.81
CG PTR A 247 -3.05 -15.52 -21.30
CD1 PTR A 247 -1.77 -15.01 -21.51
CD2 PTR A 247 -3.16 -16.72 -20.61
CE1 PTR A 247 -0.65 -15.66 -21.04
CE2 PTR A 247 -2.05 -17.38 -20.13
CZ PTR A 247 -0.78 -16.85 -20.35
OH PTR A 247 0.28 -17.45 -19.90
P PTR A 247 0.41 -19.06 -19.84
O1P PTR A 247 1.80 -19.39 -19.50
O2P PTR A 247 -0.52 -19.62 -18.74
O3P PTR A 247 0.05 -19.68 -21.20
N VAL A 248 -4.26 -13.46 -18.52
CA VAL A 248 -3.36 -12.80 -17.59
C VAL A 248 -2.40 -13.83 -17.03
N LYS A 249 -1.10 -13.57 -17.16
CA LYS A 249 -0.08 -14.44 -16.61
C LYS A 249 0.26 -13.98 -15.20
N ARG A 250 0.18 -14.89 -14.25
CA ARG A 250 0.21 -14.51 -12.85
C ARG A 250 1.58 -14.63 -12.21
N SEP A 251 1.95 -13.60 -11.47
CA SEP A 251 3.05 -13.69 -10.53
CB SEP A 251 3.30 -12.32 -9.92
OG SEP A 251 2.17 -11.89 -9.19
C SEP A 251 2.59 -14.65 -9.45
O SEP A 251 1.40 -14.76 -9.17
P SEP A 251 1.53 -10.56 -9.83
O1P SEP A 251 2.71 -9.60 -10.36
O2P SEP A 251 0.56 -10.96 -11.05
O3P SEP A 251 0.68 -9.81 -8.69
N GLN A 252 3.53 -15.36 -8.84
CA GLN A 252 3.18 -16.35 -7.82
C GLN A 252 4.06 -16.24 -6.58
N GLY A 253 3.42 -16.05 -5.43
CA GLY A 253 4.13 -15.99 -4.16
C GLY A 253 4.98 -14.76 -3.96
N ARG A 254 4.44 -13.58 -4.28
CA ARG A 254 5.17 -12.33 -4.09
C ARG A 254 4.67 -11.53 -2.90
N ILE A 255 3.66 -12.02 -2.19
CA ILE A 255 3.13 -11.35 -1.01
C ILE A 255 3.80 -11.95 0.22
N PRO A 256 4.29 -11.15 1.16
CA PRO A 256 4.90 -11.72 2.37
C PRO A 256 3.92 -12.60 3.12
N VAL A 257 4.42 -13.74 3.60
CA VAL A 257 3.56 -14.78 4.14
C VAL A 257 2.79 -14.28 5.37
N LYS A 258 3.48 -13.54 6.24
CA LYS A 258 2.85 -13.12 7.50
C LYS A 258 1.73 -12.11 7.30
N TRP A 259 1.51 -11.64 6.07
CA TRP A 259 0.38 -10.77 5.76
C TRP A 259 -0.67 -11.44 4.88
N MET A 260 -0.38 -12.61 4.33
CA MET A 260 -1.33 -13.28 3.45
C MET A 260 -2.50 -13.83 4.26
N ALA A 261 -3.70 -13.69 3.70
CA ALA A 261 -4.88 -14.31 4.30
C ALA A 261 -4.77 -15.83 4.19
N ILE A 262 -5.57 -16.51 5.02
CA ILE A 262 -5.46 -17.96 5.09
C ILE A 262 -5.93 -18.59 3.79
N GLU A 263 -6.97 -18.03 3.16
CA GLU A 263 -7.42 -18.57 1.88
C GLU A 263 -6.41 -18.29 0.78
N SER A 264 -5.65 -17.20 0.90
CA SER A 264 -4.57 -16.95 -0.05
C SER A 264 -3.40 -17.89 0.17
N LEU A 265 -3.28 -18.48 1.36
CA LEU A 265 -2.14 -19.34 1.66
C LEU A 265 -2.26 -20.69 0.94
N PHE A 266 -3.45 -21.31 0.98
CA PHE A 266 -3.63 -22.63 0.40
C PHE A 266 -4.36 -22.63 -0.93
N ASP A 267 -5.18 -21.62 -1.20
CA ASP A 267 -6.00 -21.60 -2.40
C ASP A 267 -5.62 -20.50 -3.39
N HIS A 268 -4.59 -19.71 -3.08
CA HIS A 268 -4.12 -18.64 -3.97
C HIS A 268 -5.24 -17.66 -4.30
N ILE A 269 -6.11 -17.40 -3.33
CA ILE A 269 -7.26 -16.52 -3.55
C ILE A 269 -7.05 -15.16 -2.89
N PTR A 270 -7.15 -14.10 -3.69
CA PTR A 270 -7.00 -12.75 -3.18
C PTR A 270 -8.24 -11.92 -3.48
O PTR A 270 -8.54 -11.63 -4.65
CB PTR A 270 -5.77 -12.06 -3.79
CG PTR A 270 -4.49 -12.87 -3.66
CD1 PTR A 270 -4.11 -13.74 -4.66
CD2 PTR A 270 -3.67 -12.74 -2.55
CE1 PTR A 270 -2.95 -14.49 -4.56
CE2 PTR A 270 -2.50 -13.47 -2.44
CZ PTR A 270 -2.14 -14.34 -3.44
OH PTR A 270 -1.04 -15.03 -3.33
P PTR A 270 -0.36 -15.80 -4.58
O1P PTR A 270 -1.22 -16.93 -4.98
O2P PTR A 270 -0.14 -14.83 -5.75
O3P PTR A 270 1.00 -16.36 -4.12
N THR A 271 -8.99 -11.56 -2.44
CA THR A 271 -10.19 -10.76 -2.60
C THR A 271 -10.13 -9.52 -1.71
N THR A 272 -11.21 -8.73 -1.73
CA THR A 272 -11.30 -7.60 -0.81
C THR A 272 -11.32 -8.07 0.63
N GLN A 273 -11.95 -9.22 0.90
CA GLN A 273 -11.96 -9.77 2.25
C GLN A 273 -10.56 -10.25 2.66
N SER A 274 -9.72 -10.60 1.68
CA SER A 274 -8.34 -10.94 2.00
C SER A 274 -7.53 -9.71 2.35
N ASP A 275 -7.86 -8.56 1.76
CA ASP A 275 -7.22 -7.30 2.17
C ASP A 275 -7.63 -6.91 3.58
N VAL A 276 -8.83 -7.33 4.02
CA VAL A 276 -9.24 -7.07 5.40
C VAL A 276 -8.37 -7.87 6.36
N TRP A 277 -8.00 -9.10 5.99
CA TRP A 277 -7.06 -9.86 6.79
C TRP A 277 -5.73 -9.12 6.91
N SER A 278 -5.23 -8.60 5.78
CA SER A 278 -3.99 -7.82 5.82
C SER A 278 -4.16 -6.54 6.62
N PHE A 279 -5.37 -5.97 6.63
CA PHE A 279 -5.61 -4.78 7.44
C PHE A 279 -5.52 -5.10 8.93
N GLY A 280 -5.94 -6.29 9.34
CA GLY A 280 -5.78 -6.68 10.72
C GLY A 280 -4.32 -6.77 11.14
N VAL A 281 -3.48 -7.30 10.26
CA VAL A 281 -2.05 -7.31 10.53
C VAL A 281 -1.51 -5.88 10.53
N LEU A 282 -2.09 -5.00 9.73
CA LEU A 282 -1.68 -3.59 9.73
C LEU A 282 -2.04 -2.92 11.05
N LEU A 283 -3.22 -3.23 11.60
CA LEU A 283 -3.58 -2.72 12.92
C LEU A 283 -2.56 -3.15 13.97
N TRP A 284 -2.10 -4.40 13.88
CA TRP A 284 -1.10 -4.88 14.84
C TRP A 284 0.21 -4.14 14.69
N GLU A 285 0.60 -3.80 13.45
CA GLU A 285 1.83 -3.06 13.22
C GLU A 285 1.75 -1.65 13.80
N ILE A 286 0.55 -1.06 13.83
CA ILE A 286 0.41 0.31 14.32
C ILE A 286 0.42 0.35 15.84
N VAL A 287 -0.37 -0.51 16.48
CA VAL A 287 -0.44 -0.50 17.94
C VAL A 287 0.87 -0.92 18.58
N THR A 288 1.71 -1.67 17.87
CA THR A 288 3.03 -2.03 18.34
C THR A 288 4.11 -1.08 17.85
N LEU A 289 3.73 -0.01 17.15
CA LEU A 289 4.66 0.98 16.61
C LEU A 289 5.73 0.32 15.75
N GLY A 290 5.27 -0.33 14.69
CA GLY A 290 6.17 -0.97 13.75
C GLY A 290 6.72 -2.30 14.21
N GLY A 291 5.88 -3.16 14.80
CA GLY A 291 6.35 -4.45 15.25
C GLY A 291 6.39 -5.47 14.12
N ASN A 292 7.15 -6.54 14.37
CA ASN A 292 7.26 -7.63 13.40
C ASN A 292 6.20 -8.67 13.72
N PRO A 293 5.19 -8.86 12.86
CA PRO A 293 4.13 -9.82 13.18
C PRO A 293 4.66 -11.24 13.26
N TYR A 294 4.09 -12.01 14.20
CA TYR A 294 4.48 -13.40 14.47
C TYR A 294 5.99 -13.48 14.67
N PRO A 295 6.51 -12.95 15.78
CA PRO A 295 7.97 -12.85 15.94
C PRO A 295 8.60 -14.23 16.09
N GLY A 296 9.70 -14.45 15.36
CA GLY A 296 10.44 -15.69 15.43
C GLY A 296 9.77 -16.89 14.80
N ILE A 297 8.46 -16.87 14.60
CA ILE A 297 7.77 -18.04 14.04
C ILE A 297 8.20 -18.22 12.60
N PRO A 298 8.68 -19.40 12.19
CA PRO A 298 9.03 -19.61 10.79
C PRO A 298 7.79 -19.58 9.91
N PRO A 299 7.87 -18.92 8.75
CA PRO A 299 6.69 -18.85 7.88
C PRO A 299 6.19 -20.21 7.41
N GLU A 300 7.04 -21.24 7.46
CA GLU A 300 6.58 -22.58 7.09
C GLU A 300 5.60 -23.14 8.11
N ARG A 301 5.79 -22.82 9.39
CA ARG A 301 4.90 -23.27 10.45
C ARG A 301 3.74 -22.32 10.69
N LEU A 302 3.71 -21.16 10.02
CA LEU A 302 2.62 -20.22 10.23
C LEU A 302 1.32 -20.74 9.64
N PHE A 303 1.39 -21.47 8.53
CA PHE A 303 0.18 -21.97 7.88
C PHE A 303 -0.50 -23.03 8.73
N ASN A 304 0.26 -24.01 9.23
CA ASN A 304 -0.31 -25.03 10.10
C ASN A 304 -0.81 -24.41 11.41
N LEU A 305 -0.21 -23.29 11.82
CA LEU A 305 -0.65 -22.62 13.04
C LEU A 305 -1.96 -21.86 12.83
N LEU A 306 -2.06 -21.13 11.71
CA LEU A 306 -3.29 -20.39 11.43
C LEU A 306 -4.44 -21.32 11.04
N LYS A 307 -4.12 -22.49 10.47
CA LYS A 307 -5.17 -23.41 10.06
C LYS A 307 -5.94 -23.96 11.25
N THR A 308 -5.31 -24.01 12.43
CA THR A 308 -5.94 -24.52 13.64
C THR A 308 -6.56 -23.41 14.49
N GLY A 309 -6.90 -22.28 13.87
CA GLY A 309 -7.57 -21.20 14.56
C GLY A 309 -6.71 -20.35 15.45
N HIS A 310 -5.41 -20.59 15.50
CA HIS A 310 -4.52 -19.78 16.32
C HIS A 310 -4.21 -18.44 15.65
N ARG A 311 -4.26 -17.37 16.45
CA ARG A 311 -3.94 -16.04 15.97
C ARG A 311 -2.91 -15.39 16.89
N MET A 312 -2.61 -14.12 16.65
CA MET A 312 -1.64 -13.41 17.47
C MET A 312 -2.23 -13.02 18.81
N GLU A 313 -1.36 -12.94 19.82
CA GLU A 313 -1.78 -12.53 21.15
C GLU A 313 -2.01 -11.02 21.18
N ARG A 314 -2.66 -10.57 22.24
CA ARG A 314 -3.00 -9.16 22.36
C ARG A 314 -1.76 -8.34 22.71
N PRO A 315 -1.46 -7.29 21.95
CA PRO A 315 -0.28 -6.47 22.27
C PRO A 315 -0.53 -5.59 23.49
N ASP A 316 0.53 -4.88 23.89
CA ASP A 316 0.50 -4.05 25.09
C ASP A 316 -0.45 -2.87 24.91
N ASN A 317 -0.04 -1.87 24.15
CA ASN A 317 -0.84 -0.67 23.91
C ASN A 317 -1.98 -1.03 22.95
N CYS A 318 -3.03 -1.62 23.51
CA CYS A 318 -4.19 -2.03 22.71
C CYS A 318 -5.37 -2.24 23.64
N SER A 319 -6.47 -1.54 23.36
CA SER A 319 -7.67 -1.69 24.16
C SER A 319 -8.40 -2.99 23.80
N GLU A 320 -9.40 -3.34 24.60
CA GLU A 320 -10.17 -4.55 24.34
C GLU A 320 -11.02 -4.42 23.08
N GLU A 321 -11.47 -3.20 22.76
CA GLU A 321 -12.23 -2.98 21.55
C GLU A 321 -11.35 -2.98 20.31
N MET A 322 -10.09 -2.54 20.44
CA MET A 322 -9.19 -2.55 19.29
C MET A 322 -8.76 -3.97 18.93
N TYR A 323 -8.46 -4.79 19.95
CA TYR A 323 -8.04 -6.16 19.68
C TYR A 323 -9.20 -7.02 19.17
N ARG A 324 -10.43 -6.67 19.54
CA ARG A 324 -11.59 -7.38 19.00
C ARG A 324 -11.75 -7.13 17.52
N LEU A 325 -11.37 -5.95 17.04
CA LEU A 325 -11.45 -5.65 15.61
C LEU A 325 -10.43 -6.47 14.83
N MET A 326 -9.26 -6.72 15.40
CA MET A 326 -8.25 -7.51 14.72
C MET A 326 -8.70 -8.95 14.52
N LEU A 327 -9.33 -9.54 15.54
CA LEU A 327 -9.79 -10.92 15.44
C LEU A 327 -10.90 -11.08 14.42
N GLN A 328 -11.77 -10.07 14.28
CA GLN A 328 -12.81 -10.12 13.26
C GLN A 328 -12.20 -10.10 11.86
N CYS A 329 -11.09 -9.36 11.69
CA CYS A 329 -10.40 -9.35 10.41
C CYS A 329 -9.67 -10.66 10.14
N TRP A 330 -9.46 -11.48 11.17
CA TRP A 330 -8.74 -12.74 11.04
C TRP A 330 -9.67 -13.95 11.17
N LYS A 331 -10.94 -13.78 10.81
CA LYS A 331 -11.87 -14.90 10.85
C LYS A 331 -11.54 -15.92 9.76
N GLN A 332 -11.84 -17.18 10.05
CA GLN A 332 -11.56 -18.25 9.09
C GLN A 332 -12.35 -18.05 7.80
N GLU A 333 -13.66 -17.88 7.91
CA GLU A 333 -14.49 -17.68 6.72
C GLU A 333 -14.42 -16.22 6.28
N PRO A 334 -14.08 -15.96 5.01
CA PRO A 334 -14.05 -14.57 4.55
C PRO A 334 -15.40 -13.87 4.62
N ASP A 335 -16.50 -14.63 4.55
CA ASP A 335 -17.82 -14.02 4.67
C ASP A 335 -18.08 -13.49 6.07
N LYS A 336 -17.40 -14.06 7.08
CA LYS A 336 -17.56 -13.61 8.45
C LYS A 336 -16.74 -12.38 8.79
N ARG A 337 -15.78 -12.01 7.93
CA ARG A 337 -14.98 -10.82 8.18
C ARG A 337 -15.76 -9.56 7.83
N PRO A 338 -15.53 -8.46 8.55
CA PRO A 338 -16.22 -7.21 8.25
C PRO A 338 -15.69 -6.58 6.96
N VAL A 339 -16.43 -5.60 6.47
CA VAL A 339 -16.05 -4.84 5.29
C VAL A 339 -15.46 -3.51 5.74
N PHE A 340 -14.73 -2.86 4.83
CA PHE A 340 -14.06 -1.61 5.18
C PHE A 340 -15.05 -0.50 5.52
N ALA A 341 -16.26 -0.56 4.95
CA ALA A 341 -17.29 0.42 5.30
C ALA A 341 -17.67 0.30 6.76
N ASP A 342 -17.68 -0.92 7.31
CA ASP A 342 -17.98 -1.10 8.72
C ASP A 342 -16.76 -0.80 9.61
N ILE A 343 -15.56 -1.07 9.10
CA ILE A 343 -14.35 -0.83 9.89
C ILE A 343 -14.16 0.67 10.12
N SER A 344 -14.50 1.49 9.12
CA SER A 344 -14.38 2.94 9.28
C SER A 344 -15.33 3.46 10.35
N LYS A 345 -16.55 2.93 10.38
CA LYS A 345 -17.50 3.34 11.43
C LYS A 345 -17.06 2.84 12.80
N ASP A 346 -16.35 1.71 12.86
CA ASP A 346 -15.88 1.19 14.13
C ASP A 346 -14.72 2.01 14.66
N LEU A 347 -13.73 2.30 13.80
CA LEU A 347 -12.58 3.08 14.23
C LEU A 347 -12.95 4.51 14.58
N GLU A 348 -13.99 5.06 13.94
CA GLU A 348 -14.42 6.42 14.26
C GLU A 348 -15.03 6.48 15.66
N LYS A 349 -15.75 5.43 16.06
CA LYS A 349 -16.34 5.40 17.39
C LYS A 349 -15.27 5.36 18.48
N MET A 350 -14.13 4.73 18.20
CA MET A 350 -13.03 4.73 19.16
C MET A 350 -12.44 6.12 19.33
N MET A 351 -12.46 6.93 18.26
CA MET A 351 -12.03 8.33 18.37
C MET A 351 -13.00 9.14 19.22
N VAL A 352 -14.30 8.81 19.17
CA VAL A 352 -15.29 9.57 19.93
C VAL A 352 -15.20 9.24 21.42
N LYS A 353 -15.08 7.95 21.74
CA LYS A 353 -14.99 7.52 23.12
C LYS A 353 -13.58 7.71 23.66
N1 PP1 B . 9.06 6.19 -0.94
C2 PP1 B . 8.27 9.65 -0.10
N3 PP1 B . 8.89 8.46 0.07
C4 PP1 B . 8.66 7.45 -0.79
C5 PP1 B . 7.72 7.65 -1.91
C6 PP1 B . 7.08 8.98 -2.02
N7 PP1 B . 7.39 9.91 -1.09
N8 PP1 B . 8.52 5.50 -2.04
C9 PP1 B . 7.67 6.36 -2.66
N10 PP1 B . 6.20 9.26 -3.01
C11 PP1 B . 6.88 6.08 -3.88
C12 PP1 B . 5.83 5.16 -3.85
C13 PP1 B . 5.09 4.89 -4.98
C14 PP1 B . 5.39 5.55 -6.18
C15 PP1 B . 6.44 6.45 -6.21
C16 PP1 B . 7.17 6.72 -5.07
C24 PP1 B . 4.60 5.26 -7.42
C28 PP1 B . 10.03 5.53 -0.03
C29 PP1 B . 9.47 5.54 1.39
C33 PP1 B . 11.36 6.28 -0.08
C37 PP1 B . 10.23 4.10 -0.49
#